data_1T1E
#
_entry.id   1T1E
#
_cell.length_a   158.640
_cell.length_b   158.640
_cell.length_c   106.720
_cell.angle_alpha   90.00
_cell.angle_beta   90.00
_cell.angle_gamma   120.00
#
_symmetry.space_group_name_H-M   'H 3 2'
#
loop_
_entity.id
_entity.type
_entity.pdbx_description
1 polymer kumamolisin
2 non-polymer 'CALCIUM ION'
3 water water
#
_entity_poly.entity_id   1
_entity_poly.type   'polypeptide(L)'
_entity_poly.pdbx_seq_one_letter_code
;MSDMEKPWKEEEKREVLAGHARRQAPQAVDKGPVTGDQRISVTVVLRRQRGDELEAHVERQAALAPHARVHLEREAFAAS
HGASLDDFAEIRKFAEAHGLTLDRAHVAAGTAVLSGPVDAVNQAFGVELRHFDHPDGSYRSYVGDVRVPASIAPLIEAVL
GLDTRPVARPHFRLRRRAEGEFEARSQSAAPTAYTPLDVAQAYQFPEGLDGQGQCIAIIELGGGYDETSLAQYFASLGVS
APQVVSVSVDGATNQPTGDPNGPDGEVELDIEVAGALAPGAKIAVYFAPNTDAGFLNAITTAVHDPTHKPSIVSISWGGP
EDSWAPASIAAMNRAFLDAAALGVTVLAAAGDSGSTDGEQDGLYHVDFPAASPYVLACGGTRLVASAGRIERETVWNDGP
DGGSTGGGVSRIFPLPSWQERANVPPSANPGAGSGRGVPDVAGNADPATGYEVVIDGETTVIGGTAAVAPLFAALVARIN
QKLGKPVGYLNPTLYQLPPEVFHDITEGNNDIANRARIYQAGPGWDPCTGLGSPIGIRLLQALLPSASQAQP
;
_entity_poly.pdbx_strand_id   A
#
# COMPACT_ATOMS: atom_id res chain seq x y z
N GLU A 12 38.52 1.24 -10.13
CA GLU A 12 38.21 1.68 -11.52
C GLU A 12 37.22 2.84 -11.49
N LYS A 13 36.79 3.27 -12.68
CA LYS A 13 35.84 4.38 -12.79
C LYS A 13 34.53 4.06 -12.09
N ARG A 14 33.92 5.10 -11.51
CA ARG A 14 32.66 4.95 -10.80
C ARG A 14 31.55 5.58 -11.62
N GLU A 15 30.31 5.12 -11.38
N GLU A 15 30.32 5.11 -11.39
CA GLU A 15 29.15 5.61 -12.10
CA GLU A 15 29.16 5.65 -12.09
C GLU A 15 27.97 5.85 -11.17
C GLU A 15 28.01 5.88 -11.13
N VAL A 16 27.31 6.99 -11.32
CA VAL A 16 26.16 7.32 -10.49
C VAL A 16 25.00 6.41 -10.87
N LEU A 17 24.30 5.88 -9.87
CA LEU A 17 23.13 5.05 -10.15
C LEU A 17 21.95 6.01 -10.05
N ALA A 18 21.23 6.18 -11.15
CA ALA A 18 20.11 7.12 -11.17
C ALA A 18 19.08 6.87 -10.09
N GLY A 19 18.48 7.95 -9.59
CA GLY A 19 17.44 7.86 -8.60
C GLY A 19 17.80 7.72 -7.15
N HIS A 20 19.08 7.94 -6.81
CA HIS A 20 19.52 7.82 -5.43
C HIS A 20 19.99 9.15 -4.81
N ALA A 21 19.88 10.26 -5.53
CA ALA A 21 20.33 11.55 -4.98
C ALA A 21 19.48 11.95 -3.78
N ARG A 22 20.15 12.38 -2.71
CA ARG A 22 19.52 12.83 -1.48
C ARG A 22 20.17 14.05 -0.88
N ARG A 23 19.36 15.04 -0.50
CA ARG A 23 19.87 16.20 0.22
C ARG A 23 19.47 15.87 1.66
N GLN A 24 19.99 16.60 2.63
CA GLN A 24 19.64 16.33 4.02
C GLN A 24 18.12 16.57 4.14
N ALA A 25 17.42 15.72 4.89
CA ALA A 25 15.97 15.88 5.03
C ALA A 25 15.59 17.08 5.89
N PRO A 26 14.45 17.72 5.58
CA PRO A 26 14.04 18.87 6.39
C PRO A 26 13.81 18.41 7.82
N GLN A 27 14.35 19.15 8.77
CA GLN A 27 14.24 18.86 10.19
C GLN A 27 15.19 17.77 10.69
N ALA A 28 15.96 17.17 9.78
CA ALA A 28 16.90 16.14 10.22
C ALA A 28 18.17 16.85 10.71
N VAL A 29 18.74 16.35 11.80
CA VAL A 29 19.94 16.91 12.39
C VAL A 29 21.07 15.88 12.36
N ASP A 30 22.18 16.23 11.71
CA ASP A 30 23.33 15.33 11.60
C ASP A 30 23.94 15.14 12.99
N LYS A 31 24.12 13.89 13.41
CA LYS A 31 24.68 13.57 14.72
C LYS A 31 26.01 12.84 14.62
N GLY A 32 26.69 12.99 13.49
CA GLY A 32 27.98 12.36 13.32
C GLY A 32 27.98 11.19 12.37
N PRO A 33 29.18 10.74 11.95
CA PRO A 33 29.26 9.60 11.02
C PRO A 33 28.90 8.29 11.71
N VAL A 34 28.36 7.35 10.95
CA VAL A 34 28.08 6.03 11.52
C VAL A 34 29.47 5.37 11.59
N THR A 35 29.84 4.88 12.77
CA THR A 35 31.15 4.27 12.96
C THR A 35 31.08 3.04 13.84
N GLY A 36 32.20 2.70 14.47
CA GLY A 36 32.26 1.52 15.33
C GLY A 36 32.18 0.31 14.43
N ASP A 37 31.56 0.55 13.26
CA ASP A 37 31.36 -0.45 12.24
C ASP A 37 30.63 -1.71 12.68
N GLN A 38 29.35 -1.53 13.02
CA GLN A 38 28.52 -2.65 13.38
C GLN A 38 28.14 -3.17 12.01
N ARG A 39 27.50 -4.33 11.93
CA ARG A 39 27.15 -4.87 10.63
C ARG A 39 25.82 -4.30 10.15
N ILE A 40 25.76 -3.89 8.89
CA ILE A 40 24.52 -3.36 8.37
C ILE A 40 24.16 -4.03 7.06
N SER A 41 22.86 -4.14 6.81
N SER A 41 22.87 -4.14 6.80
CA SER A 41 22.39 -4.80 5.60
CA SER A 41 22.42 -4.80 5.58
C SER A 41 21.64 -3.86 4.65
C SER A 41 21.66 -3.86 4.65
N VAL A 42 21.78 -4.15 3.36
CA VAL A 42 21.09 -3.39 2.32
C VAL A 42 20.54 -4.37 1.30
N THR A 43 19.59 -3.90 0.51
CA THR A 43 19.01 -4.70 -0.55
C THR A 43 19.36 -4.10 -1.90
N VAL A 44 19.94 -4.93 -2.77
N VAL A 44 19.92 -4.95 -2.77
CA VAL A 44 20.27 -4.46 -4.11
CA VAL A 44 20.31 -4.54 -4.10
C VAL A 44 19.25 -5.08 -5.05
C VAL A 44 19.31 -5.11 -5.11
N VAL A 45 18.75 -4.26 -5.97
CA VAL A 45 17.78 -4.68 -6.97
C VAL A 45 18.54 -4.83 -8.28
N LEU A 46 18.54 -6.04 -8.82
CA LEU A 46 19.27 -6.35 -10.05
C LEU A 46 18.42 -6.23 -11.28
N ARG A 47 19.08 -6.02 -12.41
CA ARG A 47 18.37 -6.02 -13.68
C ARG A 47 17.87 -7.48 -13.86
N ARG A 48 16.87 -7.66 -14.70
CA ARG A 48 16.30 -8.98 -14.92
C ARG A 48 16.11 -9.25 -16.39
N GLN A 49 15.91 -10.51 -16.73
CA GLN A 49 15.72 -10.90 -18.11
C GLN A 49 14.32 -10.55 -18.62
N ARG A 50 14.25 -10.06 -19.86
CA ARG A 50 12.99 -9.72 -20.51
C ARG A 50 12.08 -8.74 -19.76
N GLY A 51 12.67 -7.67 -19.23
CA GLY A 51 11.90 -6.68 -18.50
C GLY A 51 10.89 -5.93 -19.35
N ASP A 52 11.28 -5.59 -20.58
CA ASP A 52 10.38 -4.88 -21.48
C ASP A 52 9.18 -5.73 -21.86
N GLU A 53 9.41 -7.02 -22.11
CA GLU A 53 8.33 -7.93 -22.48
C GLU A 53 7.31 -8.05 -21.35
N LEU A 54 7.81 -8.06 -20.13
CA LEU A 54 6.96 -8.18 -18.95
C LEU A 54 5.97 -7.02 -18.89
N GLU A 55 6.50 -5.81 -18.99
CA GLU A 55 5.69 -4.60 -18.95
C GLU A 55 4.66 -4.61 -20.09
N ALA A 56 5.12 -4.97 -21.28
CA ALA A 56 4.27 -5.03 -22.46
C ALA A 56 3.18 -6.09 -22.33
N HIS A 57 3.53 -7.24 -21.76
CA HIS A 57 2.59 -8.33 -21.56
C HIS A 57 1.41 -7.88 -20.72
N VAL A 58 1.71 -7.16 -19.63
CA VAL A 58 0.67 -6.66 -18.74
C VAL A 58 -0.14 -5.57 -19.44
N GLU A 59 0.56 -4.60 -20.01
CA GLU A 59 -0.05 -3.47 -20.73
C GLU A 59 -0.87 -3.96 -21.90
N ARG A 60 -0.56 -5.17 -22.35
CA ARG A 60 -1.22 -5.82 -23.48
C ARG A 60 -2.52 -6.50 -23.04
N GLN A 61 -2.43 -7.26 -21.95
CA GLN A 61 -3.56 -7.98 -21.40
C GLN A 61 -4.70 -7.07 -20.95
N ALA A 62 -4.43 -5.78 -20.89
CA ALA A 62 -5.43 -4.81 -20.47
C ALA A 62 -6.66 -4.84 -21.37
N ALA A 63 -6.43 -5.07 -22.66
CA ALA A 63 -7.50 -5.13 -23.65
C ALA A 63 -8.26 -6.44 -23.55
N LEU A 64 -8.13 -7.12 -22.41
CA LEU A 64 -8.80 -8.41 -22.20
C LEU A 64 -9.47 -8.45 -20.83
N ALA A 65 -10.71 -8.95 -20.81
CA ALA A 65 -11.44 -9.08 -19.56
C ALA A 65 -10.68 -10.09 -18.71
N PRO A 66 -10.41 -9.76 -17.43
CA PRO A 66 -9.67 -10.64 -16.50
C PRO A 66 -10.19 -12.07 -16.31
N HIS A 67 -11.28 -12.42 -17.01
CA HIS A 67 -11.84 -13.77 -16.91
C HIS A 67 -11.58 -14.55 -18.19
N ALA A 68 -10.58 -14.10 -18.96
CA ALA A 68 -10.21 -14.73 -20.21
C ALA A 68 -8.78 -14.34 -20.54
N ARG A 69 -8.08 -13.78 -19.56
CA ARG A 69 -6.70 -13.34 -19.74
C ARG A 69 -5.71 -14.44 -19.38
N VAL A 70 -4.45 -14.20 -19.74
CA VAL A 70 -3.39 -15.15 -19.47
C VAL A 70 -2.37 -14.53 -18.53
N HIS A 71 -2.32 -15.00 -17.29
N HIS A 71 -2.32 -15.00 -17.29
CA HIS A 71 -1.34 -14.46 -16.35
CA HIS A 71 -1.34 -14.48 -16.34
C HIS A 71 -0.19 -15.46 -16.20
C HIS A 71 -0.20 -15.46 -16.17
N LEU A 72 0.98 -14.94 -15.82
CA LEU A 72 2.15 -15.76 -15.64
C LEU A 72 2.05 -16.58 -14.36
N GLU A 73 2.89 -17.62 -14.24
CA GLU A 73 2.91 -18.49 -13.07
C GLU A 73 4.18 -18.33 -12.29
N ARG A 74 4.07 -18.39 -10.97
CA ARG A 74 5.24 -18.21 -10.11
C ARG A 74 6.39 -19.15 -10.39
N GLU A 75 6.05 -20.40 -10.66
CA GLU A 75 7.06 -21.44 -10.91
C GLU A 75 7.83 -21.27 -12.21
N ALA A 76 7.26 -20.56 -13.17
CA ALA A 76 7.90 -20.32 -14.46
C ALA A 76 8.52 -18.91 -14.51
N PHE A 77 8.07 -18.04 -13.62
CA PHE A 77 8.55 -16.65 -13.61
C PHE A 77 10.06 -16.48 -13.42
N ALA A 78 10.65 -17.16 -12.44
CA ALA A 78 12.10 -17.03 -12.21
C ALA A 78 12.95 -17.29 -13.44
N ALA A 79 12.66 -18.39 -14.15
CA ALA A 79 13.44 -18.75 -15.32
C ALA A 79 13.24 -17.77 -16.48
N SER A 80 12.02 -17.27 -16.63
CA SER A 80 11.72 -16.37 -17.74
C SER A 80 11.91 -14.88 -17.49
N HIS A 81 11.75 -14.45 -16.23
CA HIS A 81 11.85 -13.04 -15.89
C HIS A 81 12.63 -12.67 -14.65
N GLY A 82 13.34 -13.64 -14.09
CA GLY A 82 14.12 -13.35 -12.90
C GLY A 82 15.50 -12.85 -13.25
N ALA A 83 16.29 -12.57 -12.22
CA ALA A 83 17.66 -12.14 -12.44
C ALA A 83 18.49 -13.40 -12.73
N SER A 84 19.51 -13.27 -13.56
CA SER A 84 20.33 -14.43 -13.95
C SER A 84 21.35 -14.82 -12.89
N LEU A 85 21.67 -16.11 -12.87
CA LEU A 85 22.69 -16.58 -11.95
C LEU A 85 24.04 -15.94 -12.28
N ASP A 86 24.31 -15.68 -13.56
CA ASP A 86 25.58 -15.01 -13.91
C ASP A 86 25.60 -13.63 -13.27
N ASP A 87 24.46 -12.94 -13.26
CA ASP A 87 24.45 -11.63 -12.64
C ASP A 87 24.62 -11.71 -11.12
N PHE A 88 24.02 -12.71 -10.47
CA PHE A 88 24.23 -12.85 -9.04
C PHE A 88 25.71 -13.11 -8.77
N ALA A 89 26.38 -13.87 -9.66
CA ALA A 89 27.81 -14.16 -9.48
C ALA A 89 28.63 -12.88 -9.52
N GLU A 90 28.29 -11.99 -10.46
CA GLU A 90 29.00 -10.73 -10.55
C GLU A 90 28.72 -9.85 -9.32
N ILE A 91 27.48 -9.87 -8.83
CA ILE A 91 27.15 -9.08 -7.63
C ILE A 91 27.95 -9.62 -6.44
N ARG A 92 28.09 -10.94 -6.36
CA ARG A 92 28.86 -11.55 -5.28
C ARG A 92 30.35 -11.14 -5.38
N LYS A 93 30.88 -11.09 -6.59
CA LYS A 93 32.27 -10.67 -6.79
C LYS A 93 32.44 -9.22 -6.33
N PHE A 94 31.48 -8.35 -6.69
CA PHE A 94 31.49 -6.94 -6.28
C PHE A 94 31.43 -6.87 -4.76
N ALA A 95 30.56 -7.67 -4.16
CA ALA A 95 30.43 -7.67 -2.71
C ALA A 95 31.76 -8.08 -2.05
N GLU A 96 32.31 -9.21 -2.48
CA GLU A 96 33.58 -9.67 -1.90
C GLU A 96 34.70 -8.65 -2.06
N ALA A 97 34.77 -8.01 -3.21
CA ALA A 97 35.81 -7.02 -3.50
C ALA A 97 35.73 -5.79 -2.61
N HIS A 98 34.59 -5.60 -1.95
CA HIS A 98 34.42 -4.44 -1.08
C HIS A 98 34.14 -4.79 0.37
N GLY A 99 34.35 -6.05 0.73
CA GLY A 99 34.14 -6.46 2.11
C GLY A 99 32.72 -6.73 2.54
N LEU A 100 31.82 -6.91 1.57
CA LEU A 100 30.41 -7.23 1.84
C LEU A 100 30.17 -8.71 1.54
N THR A 101 29.10 -9.26 2.09
CA THR A 101 28.72 -10.65 1.83
C THR A 101 27.37 -10.63 1.13
N LEU A 102 27.15 -11.55 0.18
CA LEU A 102 25.85 -11.65 -0.48
C LEU A 102 25.16 -12.71 0.38
N ASP A 103 24.30 -12.25 1.29
CA ASP A 103 23.63 -13.12 2.24
C ASP A 103 22.49 -13.98 1.70
N ARG A 104 21.68 -13.40 0.83
CA ARG A 104 20.54 -14.11 0.28
C ARG A 104 20.17 -13.54 -1.08
N ALA A 105 19.85 -14.44 -2.00
CA ALA A 105 19.45 -14.08 -3.35
C ALA A 105 17.97 -14.40 -3.50
N HIS A 106 17.25 -13.57 -4.25
CA HIS A 106 15.85 -13.79 -4.54
C HIS A 106 15.79 -13.73 -6.05
N VAL A 107 15.88 -14.89 -6.67
CA VAL A 107 15.95 -14.95 -8.11
C VAL A 107 14.78 -14.36 -8.88
N ALA A 108 13.56 -14.78 -8.58
CA ALA A 108 12.40 -14.26 -9.30
C ALA A 108 12.22 -12.74 -9.12
N ALA A 109 12.30 -12.29 -7.87
CA ALA A 109 12.16 -10.85 -7.59
C ALA A 109 13.34 -10.05 -8.13
N GLY A 110 14.48 -10.72 -8.34
CA GLY A 110 15.67 -10.05 -8.83
C GLY A 110 16.31 -9.13 -7.80
N THR A 111 16.47 -9.62 -6.57
CA THR A 111 17.09 -8.82 -5.53
C THR A 111 18.06 -9.68 -4.72
N ALA A 112 18.91 -9.00 -3.96
CA ALA A 112 19.87 -9.66 -3.12
C ALA A 112 20.11 -8.83 -1.88
N VAL A 113 20.34 -9.48 -0.76
CA VAL A 113 20.67 -8.79 0.47
C VAL A 113 22.17 -8.88 0.68
N LEU A 114 22.81 -7.73 0.88
CA LEU A 114 24.25 -7.67 1.13
C LEU A 114 24.47 -7.04 2.50
N SER A 115 25.49 -7.49 3.21
N SER A 115 25.50 -7.46 3.20
CA SER A 115 25.80 -6.95 4.53
CA SER A 115 25.78 -6.86 4.50
C SER A 115 27.30 -6.79 4.72
C SER A 115 27.28 -6.77 4.72
N GLY A 116 27.66 -5.93 5.67
CA GLY A 116 29.05 -5.74 6.01
C GLY A 116 29.18 -4.56 6.95
N PRO A 117 30.40 -4.27 7.41
CA PRO A 117 30.60 -3.13 8.31
C PRO A 117 30.33 -1.83 7.53
N VAL A 118 30.02 -0.75 8.25
CA VAL A 118 29.74 0.53 7.58
C VAL A 118 30.81 0.99 6.59
N ASP A 119 32.08 0.85 6.96
CA ASP A 119 33.14 1.28 6.05
C ASP A 119 33.02 0.56 4.70
N ALA A 120 32.64 -0.71 4.73
CA ALA A 120 32.49 -1.48 3.51
C ALA A 120 31.28 -1.02 2.67
N VAL A 121 30.16 -0.76 3.36
CA VAL A 121 28.95 -0.29 2.67
C VAL A 121 29.27 1.09 2.06
N ASN A 122 29.92 1.95 2.84
CA ASN A 122 30.29 3.29 2.36
C ASN A 122 31.14 3.18 1.07
N GLN A 123 32.16 2.33 1.12
CA GLN A 123 33.05 2.17 -0.02
C GLN A 123 32.39 1.56 -1.23
N ALA A 124 31.59 0.55 -1.01
CA ALA A 124 30.93 -0.14 -2.09
C ALA A 124 29.98 0.76 -2.87
N PHE A 125 29.24 1.61 -2.15
CA PHE A 125 28.22 2.44 -2.78
C PHE A 125 28.53 3.93 -2.92
N GLY A 126 29.76 4.30 -2.59
CA GLY A 126 30.19 5.69 -2.72
C GLY A 126 29.43 6.68 -1.87
N VAL A 127 29.08 6.28 -0.65
CA VAL A 127 28.37 7.15 0.27
C VAL A 127 29.09 7.22 1.60
N GLU A 128 28.65 8.15 2.44
CA GLU A 128 29.18 8.23 3.80
C GLU A 128 27.96 8.24 4.70
N LEU A 129 27.69 7.11 5.34
CA LEU A 129 26.52 7.03 6.19
C LEU A 129 26.69 7.88 7.45
N ARG A 130 25.62 8.58 7.79
CA ARG A 130 25.56 9.47 8.94
C ARG A 130 24.37 9.16 9.81
N HIS A 131 24.47 9.53 11.07
CA HIS A 131 23.39 9.39 12.03
C HIS A 131 22.58 10.67 11.93
N PHE A 132 21.25 10.54 11.99
CA PHE A 132 20.37 11.69 11.97
C PHE A 132 19.32 11.57 13.04
N ASP A 133 19.07 12.68 13.73
CA ASP A 133 18.00 12.75 14.72
C ASP A 133 16.90 13.47 13.96
N HIS A 134 15.65 13.09 14.22
CA HIS A 134 14.51 13.71 13.55
C HIS A 134 13.34 13.53 14.50
N PRO A 135 12.35 14.44 14.45
CA PRO A 135 11.22 14.30 15.37
C PRO A 135 10.48 12.96 15.27
N ASP A 136 10.46 12.38 14.08
CA ASP A 136 9.75 11.13 13.83
C ASP A 136 10.59 9.86 14.11
N GLY A 137 11.83 10.06 14.53
CA GLY A 137 12.69 8.93 14.84
C GLY A 137 14.09 9.08 14.25
N SER A 138 15.09 8.60 14.99
N SER A 138 15.09 8.60 14.99
CA SER A 138 16.47 8.66 14.53
CA SER A 138 16.47 8.66 14.53
C SER A 138 16.68 7.57 13.49
C SER A 138 16.68 7.57 13.49
N TYR A 139 17.60 7.81 12.57
CA TYR A 139 17.89 6.86 11.51
C TYR A 139 19.28 7.13 10.96
N ARG A 140 19.70 6.33 9.99
CA ARG A 140 20.96 6.61 9.35
C ARG A 140 20.66 6.84 7.89
N SER A 141 21.45 7.68 7.24
CA SER A 141 21.22 7.96 5.83
C SER A 141 22.48 8.57 5.26
N TYR A 142 22.39 9.08 4.03
CA TYR A 142 23.55 9.71 3.40
C TYR A 142 23.04 10.97 2.73
N VAL A 143 23.97 11.87 2.45
CA VAL A 143 23.67 13.13 1.76
C VAL A 143 24.60 13.08 0.54
N GLY A 144 24.02 13.13 -0.65
CA GLY A 144 24.82 13.05 -1.85
C GLY A 144 24.20 12.07 -2.83
N ASP A 145 25.01 11.18 -3.37
CA ASP A 145 24.51 10.24 -4.35
C ASP A 145 25.25 8.91 -4.22
N VAL A 146 24.70 7.91 -4.90
CA VAL A 146 25.28 6.57 -4.90
C VAL A 146 26.07 6.37 -6.19
N ARG A 147 27.30 5.91 -6.06
CA ARG A 147 28.17 5.64 -7.20
C ARG A 147 28.84 4.28 -6.97
N VAL A 148 28.74 3.42 -7.98
CA VAL A 148 29.33 2.10 -7.91
C VAL A 148 30.30 1.92 -9.07
N PRO A 149 31.21 0.93 -8.97
CA PRO A 149 32.18 0.67 -10.02
C PRO A 149 31.44 0.50 -11.34
N ALA A 150 31.99 1.05 -12.41
CA ALA A 150 31.38 0.98 -13.73
C ALA A 150 31.05 -0.45 -14.17
N SER A 151 31.90 -1.39 -13.78
CA SER A 151 31.72 -2.79 -14.14
C SER A 151 30.41 -3.38 -13.62
N ILE A 152 29.95 -2.93 -12.46
N ILE A 152 29.98 -2.93 -12.44
CA ILE A 152 28.72 -3.48 -11.92
CA ILE A 152 28.76 -3.47 -11.83
C ILE A 152 27.50 -2.60 -12.13
C ILE A 152 27.53 -2.58 -12.01
N ALA A 153 27.72 -1.32 -12.38
CA ALA A 153 26.61 -0.37 -12.58
C ALA A 153 25.46 -0.86 -13.44
N PRO A 154 25.74 -1.49 -14.59
CA PRO A 154 24.62 -1.95 -15.42
C PRO A 154 23.73 -3.01 -14.79
N LEU A 155 24.28 -3.73 -13.81
CA LEU A 155 23.54 -4.81 -13.15
C LEU A 155 22.62 -4.35 -12.02
N ILE A 156 22.88 -3.17 -11.46
CA ILE A 156 22.11 -2.67 -10.32
C ILE A 156 21.14 -1.56 -10.70
N GLU A 157 19.86 -1.77 -10.41
CA GLU A 157 18.84 -0.76 -10.68
C GLU A 157 18.55 0.07 -9.44
N ALA A 158 18.76 -0.48 -8.25
CA ALA A 158 18.51 0.26 -7.02
C ALA A 158 19.22 -0.36 -5.83
N VAL A 159 19.52 0.48 -4.85
CA VAL A 159 20.11 0.05 -3.60
C VAL A 159 19.19 0.63 -2.53
N LEU A 160 18.58 -0.23 -1.72
CA LEU A 160 17.67 0.23 -0.67
C LEU A 160 18.21 -0.12 0.69
N GLY A 161 17.75 0.58 1.71
CA GLY A 161 18.23 0.33 3.05
C GLY A 161 19.42 1.16 3.45
N LEU A 162 19.95 2.00 2.56
CA LEU A 162 21.06 2.89 2.94
C LEU A 162 20.48 3.94 3.88
N ASP A 163 19.24 4.35 3.60
CA ASP A 163 18.50 5.31 4.41
C ASP A 163 17.49 4.47 5.20
N THR A 164 17.56 4.52 6.53
CA THR A 164 16.64 3.74 7.36
C THR A 164 15.53 4.56 8.03
N ARG A 165 15.24 5.74 7.48
CA ARG A 165 14.18 6.54 8.07
C ARG A 165 12.83 5.82 7.90
N PRO A 166 11.95 5.86 8.90
CA PRO A 166 10.65 5.20 8.78
C PRO A 166 10.02 5.69 7.45
N VAL A 167 9.77 4.78 6.53
CA VAL A 167 9.27 5.16 5.22
C VAL A 167 7.76 5.34 5.09
N ALA A 168 7.02 4.81 6.04
CA ALA A 168 5.57 4.80 5.93
C ALA A 168 4.81 5.00 7.21
N ARG A 169 3.58 5.45 7.03
CA ARG A 169 2.62 5.69 8.11
C ARG A 169 1.45 4.72 7.93
N PRO A 170 0.94 4.13 9.04
CA PRO A 170 -0.23 3.21 8.92
C PRO A 170 -1.42 4.18 8.85
N HIS A 171 -2.22 4.09 7.80
CA HIS A 171 -3.28 5.06 7.53
C HIS A 171 -4.60 4.92 8.26
N PHE A 172 -4.52 4.63 9.57
CA PHE A 172 -5.70 4.50 10.39
C PHE A 172 -5.76 5.56 11.47
N ARG A 173 -6.97 5.77 11.98
CA ARG A 173 -7.18 6.70 13.08
C ARG A 173 -8.19 6.09 14.04
N LEU A 174 -7.96 6.29 15.33
CA LEU A 174 -8.88 5.83 16.36
C LEU A 174 -9.91 6.95 16.54
N ARG A 175 -11.17 6.58 16.70
CA ARG A 175 -12.20 7.56 16.89
C ARG A 175 -11.95 8.34 18.18
N ARG A 176 -12.17 9.64 18.15
CA ARG A 176 -12.01 10.48 19.34
C ARG A 176 -13.33 10.91 19.94
N ARG A 177 -14.33 11.19 19.11
CA ARG A 177 -15.62 11.61 19.64
C ARG A 177 -16.70 10.56 19.40
N ALA A 178 -17.45 10.23 20.46
CA ALA A 178 -18.51 9.24 20.37
C ALA A 178 -19.77 9.73 21.07
N GLU A 179 -19.62 10.78 21.88
CA GLU A 179 -20.74 11.34 22.63
C GLU A 179 -21.74 12.00 21.68
N GLY A 180 -23.02 11.93 22.04
CA GLY A 180 -24.04 12.51 21.20
C GLY A 180 -24.28 14.00 21.43
N GLU A 181 -25.19 14.56 20.65
CA GLU A 181 -25.54 15.97 20.71
C GLU A 181 -26.26 16.31 22.03
N PHE A 182 -25.91 17.44 22.63
CA PHE A 182 -26.52 17.87 23.89
C PHE A 182 -28.01 18.11 23.72
N GLU A 183 -28.81 17.51 24.60
CA GLU A 183 -30.26 17.65 24.59
C GLU A 183 -30.87 17.35 23.22
N ALA A 184 -30.48 16.22 22.64
CA ALA A 184 -30.98 15.77 21.34
C ALA A 184 -30.07 14.71 20.74
N ARG A 185 -30.53 13.46 20.71
CA ARG A 185 -29.74 12.37 20.15
C ARG A 185 -30.37 11.89 18.84
N SER A 186 -29.81 12.36 17.73
CA SER A 186 -30.32 11.99 16.40
C SER A 186 -29.32 11.11 15.65
N GLN A 187 -29.81 10.50 14.57
CA GLN A 187 -28.97 9.63 13.74
C GLN A 187 -29.17 9.94 12.27
N SER A 188 -28.10 10.35 11.60
CA SER A 188 -28.15 10.68 10.18
C SER A 188 -26.74 10.80 9.61
N ALA A 189 -25.75 10.68 10.48
CA ALA A 189 -24.35 10.77 10.08
C ALA A 189 -23.44 10.46 11.26
N ALA A 190 -24.04 10.26 12.43
CA ALA A 190 -23.30 9.96 13.65
C ALA A 190 -24.26 10.08 14.84
N PRO A 191 -23.82 9.67 16.05
CA PRO A 191 -22.50 9.12 16.37
C PRO A 191 -22.50 7.59 16.39
N THR A 192 -22.96 6.98 15.30
CA THR A 192 -23.01 5.53 15.22
C THR A 192 -21.74 4.91 14.64
N ALA A 193 -21.66 3.58 14.71
CA ALA A 193 -20.51 2.84 14.21
C ALA A 193 -21.02 1.56 13.55
N TYR A 194 -20.18 0.97 12.72
CA TYR A 194 -20.56 -0.23 11.99
C TYR A 194 -19.61 -1.37 12.21
N THR A 195 -20.07 -2.57 11.86
CA THR A 195 -19.17 -3.72 11.82
C THR A 195 -18.84 -3.75 10.30
N PRO A 196 -17.77 -4.47 9.92
CA PRO A 196 -17.43 -4.53 8.49
C PRO A 196 -18.60 -5.14 7.71
N LEU A 197 -19.35 -6.01 8.37
CA LEU A 197 -20.49 -6.68 7.71
C LEU A 197 -21.58 -5.67 7.34
N ASP A 198 -21.81 -4.71 8.23
CA ASP A 198 -22.82 -3.67 7.96
C ASP A 198 -22.40 -2.85 6.72
N VAL A 199 -21.12 -2.51 6.62
CA VAL A 199 -20.59 -1.73 5.51
C VAL A 199 -20.67 -2.53 4.19
N ALA A 200 -20.28 -3.80 4.25
CA ALA A 200 -20.34 -4.67 3.09
C ALA A 200 -21.78 -4.81 2.57
N GLN A 201 -22.74 -4.89 3.49
CA GLN A 201 -24.13 -4.99 3.08
C GLN A 201 -24.53 -3.71 2.35
N ALA A 202 -24.11 -2.57 2.88
CA ALA A 202 -24.43 -1.29 2.24
C ALA A 202 -23.83 -1.21 0.83
N TYR A 203 -22.66 -1.81 0.65
CA TYR A 203 -22.00 -1.81 -0.65
C TYR A 203 -22.41 -3.03 -1.48
N GLN A 204 -23.46 -3.72 -1.04
CA GLN A 204 -23.99 -4.89 -1.74
C GLN A 204 -22.95 -5.93 -2.12
N PHE A 205 -22.11 -6.31 -1.17
CA PHE A 205 -21.11 -7.32 -1.46
C PHE A 205 -21.88 -8.58 -1.85
N PRO A 206 -21.35 -9.37 -2.80
CA PRO A 206 -22.05 -10.60 -3.20
C PRO A 206 -22.03 -11.56 -2.02
N GLU A 207 -23.16 -12.20 -1.75
N GLU A 207 -23.17 -12.18 -1.76
CA GLU A 207 -23.20 -13.11 -0.63
CA GLU A 207 -23.26 -13.10 -0.63
C GLU A 207 -23.11 -14.59 -1.02
C GLU A 207 -23.15 -14.59 -1.01
N GLY A 208 -23.05 -15.45 -0.01
CA GLY A 208 -22.91 -16.87 -0.27
C GLY A 208 -21.45 -17.17 -0.61
N LEU A 209 -20.58 -16.19 -0.34
CA LEU A 209 -19.15 -16.31 -0.64
C LEU A 209 -18.33 -15.88 0.56
N ASP A 210 -17.26 -16.61 0.86
CA ASP A 210 -16.40 -16.30 2.01
C ASP A 210 -14.91 -16.24 1.68
N GLY A 211 -14.54 -16.33 0.41
CA GLY A 211 -13.14 -16.29 0.06
C GLY A 211 -12.39 -17.61 0.17
N GLN A 212 -13.09 -18.72 0.43
CA GLN A 212 -12.40 -20.01 0.50
C GLN A 212 -11.63 -20.23 -0.80
N GLY A 213 -10.41 -20.74 -0.67
CA GLY A 213 -9.55 -20.97 -1.82
C GLY A 213 -8.61 -19.80 -2.12
N GLN A 214 -8.85 -18.66 -1.49
CA GLN A 214 -8.04 -17.46 -1.68
C GLN A 214 -7.11 -17.25 -0.50
N CYS A 215 -5.97 -16.60 -0.74
CA CYS A 215 -5.06 -16.22 0.33
C CYS A 215 -4.83 -14.71 0.17
N ILE A 216 -5.16 -13.97 1.22
CA ILE A 216 -4.96 -12.52 1.22
C ILE A 216 -3.68 -12.25 2.04
N ALA A 217 -2.70 -11.65 1.38
CA ALA A 217 -1.45 -11.24 2.03
C ALA A 217 -1.68 -9.83 2.57
N ILE A 218 -1.31 -9.59 3.82
CA ILE A 218 -1.45 -8.27 4.44
C ILE A 218 -0.05 -7.83 4.86
N ILE A 219 0.38 -6.65 4.40
CA ILE A 219 1.71 -6.14 4.68
C ILE A 219 1.71 -5.27 5.94
N GLU A 220 2.63 -5.56 6.88
CA GLU A 220 2.73 -4.80 8.13
C GLU A 220 4.17 -4.40 8.37
N LEU A 221 4.36 -3.14 8.74
CA LEU A 221 5.69 -2.60 8.94
C LEU A 221 6.00 -2.28 10.41
N GLY A 222 5.26 -2.92 11.32
CA GLY A 222 5.49 -2.75 12.74
C GLY A 222 4.43 -3.46 13.54
N GLY A 223 4.61 -3.49 14.85
CA GLY A 223 3.63 -4.08 15.75
C GLY A 223 3.33 -5.56 15.57
N GLY A 224 2.12 -5.92 15.97
CA GLY A 224 1.69 -7.30 15.87
C GLY A 224 0.24 -7.46 16.30
N TYR A 225 -0.22 -8.70 16.35
CA TYR A 225 -1.58 -9.03 16.80
C TYR A 225 -1.50 -10.10 17.88
N ASP A 226 -2.53 -10.20 18.71
CA ASP A 226 -2.56 -11.22 19.75
C ASP A 226 -3.80 -12.04 19.46
N GLU A 227 -3.72 -13.35 19.69
CA GLU A 227 -4.84 -14.22 19.42
C GLU A 227 -6.10 -13.91 20.23
N THR A 228 -5.97 -13.37 21.45
CA THR A 228 -7.16 -13.08 22.26
C THR A 228 -8.03 -11.99 21.62
N SER A 229 -7.40 -10.91 21.18
CA SER A 229 -8.12 -9.82 20.56
C SER A 229 -8.86 -10.34 19.31
N LEU A 230 -8.17 -11.12 18.48
CA LEU A 230 -8.81 -11.67 17.28
C LEU A 230 -9.97 -12.60 17.61
N ALA A 231 -9.73 -13.57 18.50
CA ALA A 231 -10.76 -14.50 18.90
C ALA A 231 -11.99 -13.79 19.46
N GLN A 232 -11.76 -12.79 20.33
CA GLN A 232 -12.87 -12.05 20.93
C GLN A 232 -13.66 -11.32 19.85
N TYR A 233 -12.94 -10.74 18.89
CA TYR A 233 -13.58 -10.01 17.81
C TYR A 233 -14.51 -10.90 17.00
N PHE A 234 -13.99 -12.01 16.47
CA PHE A 234 -14.83 -12.86 15.64
C PHE A 234 -15.97 -13.49 16.41
N ALA A 235 -15.72 -13.86 17.67
CA ALA A 235 -16.78 -14.46 18.47
C ALA A 235 -17.93 -13.46 18.69
N SER A 236 -17.60 -12.18 18.86
N SER A 236 -17.58 -12.18 18.86
CA SER A 236 -18.61 -11.15 19.09
CA SER A 236 -18.58 -11.13 19.08
C SER A 236 -19.48 -10.93 17.85
C SER A 236 -19.48 -10.93 17.85
N LEU A 237 -18.96 -11.26 16.67
CA LEU A 237 -19.71 -11.14 15.42
C LEU A 237 -20.50 -12.43 15.20
N GLY A 238 -20.15 -13.45 15.97
CA GLY A 238 -20.81 -14.73 15.82
C GLY A 238 -20.39 -15.40 14.52
N VAL A 239 -19.11 -15.25 14.15
CA VAL A 239 -18.58 -15.85 12.92
C VAL A 239 -17.30 -16.65 13.19
N SER A 240 -17.03 -17.66 12.36
N SER A 240 -17.03 -17.66 12.37
CA SER A 240 -15.84 -18.46 12.53
CA SER A 240 -15.84 -18.50 12.53
C SER A 240 -14.67 -17.62 12.04
C SER A 240 -14.63 -17.73 12.00
N ALA A 241 -13.58 -17.62 12.81
CA ALA A 241 -12.40 -16.85 12.43
C ALA A 241 -11.58 -17.48 11.33
N PRO A 242 -10.95 -16.64 10.50
CA PRO A 242 -10.13 -17.18 9.42
C PRO A 242 -8.81 -17.70 10.00
N GLN A 243 -8.13 -18.52 9.20
CA GLN A 243 -6.81 -18.98 9.57
C GLN A 243 -5.88 -17.78 9.31
N VAL A 244 -5.06 -17.45 10.30
CA VAL A 244 -4.13 -16.32 10.19
C VAL A 244 -2.71 -16.83 10.47
N VAL A 245 -1.78 -16.51 9.60
N VAL A 245 -1.79 -16.54 9.56
CA VAL A 245 -0.42 -16.91 9.83
CA VAL A 245 -0.40 -16.98 9.65
C VAL A 245 0.48 -15.69 9.66
C VAL A 245 0.58 -15.81 9.49
N SER A 246 1.59 -15.72 10.38
CA SER A 246 2.58 -14.66 10.32
C SER A 246 3.80 -15.11 9.55
N VAL A 247 4.37 -14.18 8.78
CA VAL A 247 5.55 -14.42 7.96
C VAL A 247 6.58 -13.35 8.30
N SER A 248 7.80 -13.76 8.63
CA SER A 248 8.89 -12.86 9.00
C SER A 248 9.72 -12.46 7.79
N VAL A 249 9.90 -11.15 7.62
CA VAL A 249 10.69 -10.61 6.53
C VAL A 249 11.77 -9.75 7.14
N ASP A 250 13.00 -9.98 6.71
CA ASP A 250 14.16 -9.25 7.18
C ASP A 250 14.26 -9.24 8.71
N GLY A 251 13.89 -10.36 9.32
CA GLY A 251 13.99 -10.45 10.77
C GLY A 251 12.86 -9.89 11.60
N ALA A 252 11.91 -9.21 10.96
CA ALA A 252 10.78 -8.66 11.70
C ALA A 252 9.79 -9.77 11.99
N THR A 253 9.09 -9.68 13.11
CA THR A 253 8.13 -10.72 13.46
C THR A 253 6.85 -10.12 14.03
N ASN A 254 5.88 -10.98 14.35
CA ASN A 254 4.60 -10.55 14.93
C ASN A 254 4.96 -10.12 16.34
N GLN A 255 5.06 -8.82 16.56
N GLN A 255 5.05 -8.81 16.56
CA GLN A 255 5.43 -8.31 17.88
CA GLN A 255 5.43 -8.31 17.87
C GLN A 255 4.55 -7.17 18.37
C GLN A 255 4.55 -7.17 18.37
N PRO A 256 3.43 -7.50 19.03
CA PRO A 256 2.52 -6.46 19.55
C PRO A 256 3.31 -5.56 20.52
N THR A 257 2.95 -4.27 20.59
CA THR A 257 3.63 -3.36 21.52
C THR A 257 2.69 -2.99 22.64
N GLY A 258 1.39 -3.20 22.42
CA GLY A 258 0.39 -2.86 23.43
C GLY A 258 -0.21 -1.47 23.31
N ASP A 259 0.30 -0.67 22.37
N ASP A 259 0.31 -0.67 22.37
CA ASP A 259 -0.20 0.69 22.16
CA ASP A 259 -0.16 0.71 22.13
C ASP A 259 -1.31 0.69 21.12
C ASP A 259 -1.32 0.70 21.10
N PRO A 260 -2.53 1.09 21.52
CA PRO A 260 -3.65 1.08 20.56
C PRO A 260 -3.53 2.02 19.38
N ASN A 261 -2.80 3.12 19.54
CA ASN A 261 -2.60 4.06 18.45
C ASN A 261 -1.28 3.77 17.73
N GLY A 262 -0.64 2.66 18.11
CA GLY A 262 0.59 2.26 17.46
C GLY A 262 0.30 1.29 16.32
N PRO A 263 1.34 0.66 15.78
CA PRO A 263 1.13 -0.29 14.68
C PRO A 263 0.17 -1.44 14.99
N ASP A 264 0.01 -1.82 16.26
CA ASP A 264 -0.92 -2.90 16.61
C ASP A 264 -2.33 -2.57 16.09
N GLY A 265 -2.72 -1.30 16.17
CA GLY A 265 -4.03 -0.90 15.68
C GLY A 265 -4.21 -1.27 14.21
N GLU A 266 -3.19 -1.02 13.40
CA GLU A 266 -3.25 -1.33 11.98
C GLU A 266 -3.30 -2.82 11.75
N VAL A 267 -2.39 -3.55 12.40
CA VAL A 267 -2.32 -4.99 12.21
C VAL A 267 -3.64 -5.65 12.55
N GLU A 268 -4.19 -5.30 13.69
CA GLU A 268 -5.44 -5.91 14.10
C GLU A 268 -6.64 -5.46 13.30
N LEU A 269 -6.75 -4.19 12.94
CA LEU A 269 -7.91 -3.79 12.14
C LEU A 269 -7.81 -4.44 10.74
N ASP A 270 -6.60 -4.58 10.19
CA ASP A 270 -6.46 -5.18 8.87
C ASP A 270 -7.02 -6.61 8.86
N ILE A 271 -6.59 -7.39 9.85
CA ILE A 271 -7.02 -8.77 9.98
C ILE A 271 -8.51 -8.87 10.28
N GLU A 272 -9.00 -8.03 11.20
CA GLU A 272 -10.41 -8.08 11.57
C GLU A 272 -11.34 -7.69 10.43
N VAL A 273 -11.01 -6.61 9.71
CA VAL A 273 -11.84 -6.18 8.58
C VAL A 273 -11.82 -7.21 7.44
N ALA A 274 -10.64 -7.62 7.00
CA ALA A 274 -10.58 -8.60 5.91
C ALA A 274 -11.17 -9.95 6.35
N GLY A 275 -10.82 -10.37 7.56
CA GLY A 275 -11.28 -11.65 8.09
C GLY A 275 -12.78 -11.74 8.31
N ALA A 276 -13.39 -10.64 8.75
CA ALA A 276 -14.82 -10.65 8.98
C ALA A 276 -15.59 -10.88 7.69
N LEU A 277 -15.07 -10.35 6.59
CA LEU A 277 -15.74 -10.42 5.29
C LEU A 277 -15.35 -11.59 4.39
N ALA A 278 -14.13 -12.09 4.55
CA ALA A 278 -13.67 -13.24 3.77
C ALA A 278 -13.09 -14.25 4.76
N PRO A 279 -13.93 -14.74 5.71
CA PRO A 279 -13.43 -15.70 6.70
C PRO A 279 -12.91 -17.04 6.16
N GLY A 280 -13.23 -17.33 4.91
CA GLY A 280 -12.76 -18.55 4.28
C GLY A 280 -11.38 -18.40 3.66
N ALA A 281 -10.90 -17.15 3.55
CA ALA A 281 -9.59 -16.90 2.96
C ALA A 281 -8.52 -17.14 4.00
N LYS A 282 -7.35 -17.56 3.56
CA LYS A 282 -6.21 -17.71 4.46
C LYS A 282 -5.61 -16.30 4.53
N ILE A 283 -5.35 -15.79 5.72
N ILE A 283 -5.35 -15.82 5.73
CA ILE A 283 -4.76 -14.47 5.86
CA ILE A 283 -4.76 -14.49 5.91
C ILE A 283 -3.31 -14.63 6.26
C ILE A 283 -3.30 -14.70 6.24
N ALA A 284 -2.40 -14.21 5.38
CA ALA A 284 -0.97 -14.31 5.61
C ALA A 284 -0.47 -12.90 5.89
N VAL A 285 0.09 -12.69 7.07
CA VAL A 285 0.53 -11.36 7.50
C VAL A 285 2.05 -11.30 7.44
N TYR A 286 2.57 -10.45 6.56
CA TYR A 286 3.99 -10.29 6.36
C TYR A 286 4.53 -9.11 7.14
N PHE A 287 5.38 -9.40 8.13
CA PHE A 287 6.00 -8.36 8.94
C PHE A 287 7.40 -8.03 8.44
N ALA A 288 7.68 -6.74 8.29
CA ALA A 288 8.98 -6.28 7.82
C ALA A 288 9.35 -4.97 8.49
N PRO A 289 10.64 -4.59 8.44
CA PRO A 289 11.04 -3.32 9.06
C PRO A 289 10.42 -2.17 8.25
N ASN A 290 10.17 -1.06 8.94
CA ASN A 290 9.62 0.13 8.28
C ASN A 290 10.76 0.94 7.65
N THR A 291 11.29 0.44 6.54
CA THR A 291 12.33 1.12 5.76
C THR A 291 11.96 0.86 4.31
N ASP A 292 12.57 1.60 3.37
CA ASP A 292 12.25 1.34 1.98
C ASP A 292 12.58 -0.11 1.60
N ALA A 293 13.71 -0.64 2.08
CA ALA A 293 14.09 -2.02 1.79
C ALA A 293 13.08 -3.01 2.42
N GLY A 294 12.69 -2.76 3.66
CA GLY A 294 11.76 -3.68 4.32
C GLY A 294 10.42 -3.72 3.61
N PHE A 295 9.93 -2.55 3.19
CA PHE A 295 8.65 -2.47 2.49
C PHE A 295 8.75 -3.23 1.17
N LEU A 296 9.82 -2.99 0.40
CA LEU A 296 10.01 -3.69 -0.86
C LEU A 296 10.07 -5.20 -0.63
N ASN A 297 10.88 -5.62 0.35
CA ASN A 297 11.04 -7.05 0.61
C ASN A 297 9.76 -7.72 1.09
N ALA A 298 8.92 -7.00 1.82
CA ALA A 298 7.65 -7.57 2.26
C ALA A 298 6.78 -7.82 1.02
N ILE A 299 6.73 -6.86 0.11
N ILE A 299 6.75 -6.85 0.12
CA ILE A 299 5.91 -7.01 -1.09
CA ILE A 299 5.96 -6.96 -1.11
C ILE A 299 6.43 -8.10 -2.04
C ILE A 299 6.45 -8.10 -2.00
N THR A 300 7.74 -8.14 -2.30
CA THR A 300 8.27 -9.18 -3.18
C THR A 300 8.11 -10.54 -2.53
N THR A 301 8.29 -10.61 -1.21
CA THR A 301 8.12 -11.90 -0.54
C THR A 301 6.67 -12.39 -0.71
N ALA A 302 5.71 -11.52 -0.47
CA ALA A 302 4.31 -11.94 -0.63
C ALA A 302 3.95 -12.24 -2.08
N VAL A 303 4.34 -11.36 -3.00
CA VAL A 303 3.98 -11.55 -4.40
C VAL A 303 4.55 -12.85 -4.96
N HIS A 304 5.81 -13.16 -4.61
CA HIS A 304 6.45 -14.37 -5.11
C HIS A 304 6.40 -15.57 -4.17
N ASP A 305 5.58 -15.50 -3.13
CA ASP A 305 5.49 -16.58 -2.13
C ASP A 305 4.98 -17.91 -2.70
N PRO A 306 5.85 -18.93 -2.78
CA PRO A 306 5.47 -20.24 -3.31
C PRO A 306 4.72 -21.11 -2.32
N THR A 307 4.73 -20.72 -1.06
CA THR A 307 4.04 -21.48 -0.02
C THR A 307 2.59 -21.00 0.16
N HIS A 308 2.42 -19.74 0.51
N HIS A 308 2.41 -19.74 0.51
CA HIS A 308 1.09 -19.18 0.74
CA HIS A 308 1.07 -19.20 0.73
C HIS A 308 0.39 -18.75 -0.54
C HIS A 308 0.38 -18.76 -0.55
N LYS A 309 1.16 -18.49 -1.59
CA LYS A 309 0.61 -18.11 -2.88
C LYS A 309 -0.59 -17.15 -2.86
N PRO A 310 -0.42 -15.97 -2.24
N PRO A 310 -0.37 -15.93 -2.35
CA PRO A 310 -1.57 -15.06 -2.20
CA PRO A 310 -1.43 -14.92 -2.26
C PRO A 310 -2.06 -14.62 -3.55
C PRO A 310 -2.04 -14.56 -3.60
N SER A 311 -3.35 -14.41 -3.64
CA SER A 311 -3.99 -13.98 -4.86
C SER A 311 -4.29 -12.46 -4.75
N ILE A 312 -4.17 -11.94 -3.53
CA ILE A 312 -4.48 -10.54 -3.22
C ILE A 312 -3.48 -10.06 -2.18
N VAL A 313 -3.05 -8.80 -2.32
CA VAL A 313 -2.15 -8.18 -1.33
C VAL A 313 -2.84 -6.89 -0.87
N SER A 314 -2.98 -6.73 0.43
CA SER A 314 -3.63 -5.55 1.03
C SER A 314 -2.58 -4.74 1.80
N ILE A 315 -2.50 -3.45 1.50
CA ILE A 315 -1.51 -2.56 2.11
C ILE A 315 -2.18 -1.33 2.69
N SER A 316 -1.98 -1.09 3.98
CA SER A 316 -2.58 0.08 4.63
C SER A 316 -1.55 1.12 5.10
N TRP A 317 -0.30 0.90 4.71
CA TRP A 317 0.84 1.75 5.04
C TRP A 317 1.33 2.49 3.80
N GLY A 318 1.83 3.72 3.98
CA GLY A 318 2.38 4.45 2.86
C GLY A 318 2.95 5.78 3.29
N GLY A 319 3.60 6.45 2.34
CA GLY A 319 4.18 7.76 2.59
C GLY A 319 4.14 8.62 1.33
N PRO A 320 4.26 9.95 1.48
CA PRO A 320 4.22 10.84 0.30
C PRO A 320 5.18 10.35 -0.77
N GLU A 321 4.73 10.35 -2.02
CA GLU A 321 5.59 9.78 -3.07
C GLU A 321 6.93 10.49 -3.14
N ASP A 322 6.96 11.77 -2.75
N ASP A 322 6.91 11.76 -2.80
CA ASP A 322 8.21 12.55 -2.77
CA ASP A 322 8.07 12.62 -2.82
C ASP A 322 9.15 12.33 -1.57
C ASP A 322 9.07 12.35 -1.68
N SER A 323 8.75 11.49 -0.62
N SER A 323 8.67 11.54 -0.69
CA SER A 323 9.58 11.22 0.54
CA SER A 323 9.53 11.23 0.47
C SER A 323 10.44 9.96 0.33
C SER A 323 10.44 10.00 0.29
N TRP A 324 10.27 9.32 -0.83
CA TRP A 324 11.05 8.13 -1.16
C TRP A 324 12.15 8.47 -2.16
N ALA A 325 13.25 7.73 -2.17
CA ALA A 325 14.23 7.94 -3.24
C ALA A 325 13.55 7.44 -4.52
N PRO A 326 13.73 8.13 -5.66
CA PRO A 326 13.11 7.67 -6.90
C PRO A 326 13.44 6.20 -7.23
N ALA A 327 14.68 5.78 -6.99
CA ALA A 327 15.06 4.39 -7.29
C ALA A 327 14.28 3.39 -6.42
N SER A 328 13.96 3.78 -5.20
CA SER A 328 13.17 2.92 -4.30
C SER A 328 11.73 2.83 -4.80
N ILE A 329 11.17 3.96 -5.23
CA ILE A 329 9.81 3.90 -5.76
C ILE A 329 9.80 3.04 -7.02
N ALA A 330 10.82 3.16 -7.86
CA ALA A 330 10.86 2.36 -9.08
C ALA A 330 10.95 0.87 -8.76
N ALA A 331 11.73 0.51 -7.74
CA ALA A 331 11.86 -0.91 -7.36
C ALA A 331 10.52 -1.43 -6.83
N MET A 332 9.83 -0.62 -6.03
N MET A 332 9.81 -0.65 -6.02
CA MET A 332 8.51 -1.00 -5.51
CA MET A 332 8.52 -1.12 -5.54
C MET A 332 7.54 -1.20 -6.68
C MET A 332 7.50 -1.20 -6.68
N ASN A 333 7.54 -0.25 -7.60
CA ASN A 333 6.65 -0.29 -8.75
C ASN A 333 6.92 -1.56 -9.57
N ARG A 334 8.19 -1.96 -9.70
CA ARG A 334 8.50 -3.18 -10.44
C ARG A 334 7.91 -4.40 -9.73
N ALA A 335 7.91 -4.40 -8.40
CA ALA A 335 7.31 -5.51 -7.66
C ALA A 335 5.82 -5.54 -7.94
N PHE A 336 5.19 -4.37 -8.07
CA PHE A 336 3.76 -4.32 -8.36
C PHE A 336 3.50 -4.76 -9.81
N LEU A 337 4.44 -4.50 -10.71
CA LEU A 337 4.30 -4.98 -12.09
C LEU A 337 4.31 -6.53 -12.04
N ASP A 338 5.19 -7.11 -11.23
CA ASP A 338 5.25 -8.58 -11.09
C ASP A 338 3.90 -9.09 -10.62
N ALA A 339 3.30 -8.43 -9.62
CA ALA A 339 1.99 -8.86 -9.13
C ALA A 339 0.95 -8.85 -10.25
N ALA A 340 0.91 -7.76 -11.03
CA ALA A 340 -0.04 -7.68 -12.13
C ALA A 340 0.21 -8.82 -13.14
N ALA A 341 1.49 -9.07 -13.43
CA ALA A 341 1.82 -10.13 -14.39
C ALA A 341 1.41 -11.52 -13.87
N LEU A 342 1.49 -11.72 -12.56
CA LEU A 342 1.17 -13.01 -11.92
C LEU A 342 -0.30 -13.18 -11.54
N GLY A 343 -1.13 -12.20 -11.84
CA GLY A 343 -2.55 -12.30 -11.51
C GLY A 343 -2.88 -12.06 -10.04
N VAL A 344 -2.10 -11.21 -9.39
CA VAL A 344 -2.29 -10.90 -7.98
C VAL A 344 -2.79 -9.46 -7.86
N THR A 345 -3.94 -9.24 -7.21
CA THR A 345 -4.49 -7.89 -7.05
C THR A 345 -3.78 -7.22 -5.87
N VAL A 346 -3.35 -5.98 -6.03
CA VAL A 346 -2.70 -5.26 -4.93
C VAL A 346 -3.52 -4.01 -4.63
N LEU A 347 -4.00 -3.89 -3.40
CA LEU A 347 -4.79 -2.74 -2.96
C LEU A 347 -4.01 -1.94 -1.93
N ALA A 348 -4.14 -0.61 -1.96
CA ALA A 348 -3.47 0.22 -0.95
C ALA A 348 -4.29 1.40 -0.53
N ALA A 349 -4.29 1.67 0.77
CA ALA A 349 -4.95 2.87 1.30
C ALA A 349 -4.29 4.10 0.64
N ALA A 350 -5.12 5.07 0.27
CA ALA A 350 -4.61 6.25 -0.43
C ALA A 350 -4.06 7.36 0.47
N GLY A 351 -4.08 7.16 1.78
CA GLY A 351 -3.58 8.16 2.70
C GLY A 351 -4.72 8.63 3.57
N ASP A 352 -4.40 9.18 4.73
CA ASP A 352 -5.44 9.63 5.64
C ASP A 352 -5.20 11.04 6.18
N SER A 353 -4.41 11.80 5.41
CA SER A 353 -4.05 13.17 5.78
C SER A 353 -4.38 14.16 4.66
N GLY A 354 -5.49 13.92 3.99
CA GLY A 354 -5.94 14.80 2.92
C GLY A 354 -5.04 14.94 1.73
N SER A 355 -5.29 16.01 0.97
CA SER A 355 -4.56 16.28 -0.26
C SER A 355 -3.12 16.69 -0.06
N THR A 356 -2.74 17.04 1.19
CA THR A 356 -1.37 17.43 1.48
C THR A 356 -0.53 16.28 2.05
N ASP A 357 -1.21 15.17 2.35
CA ASP A 357 -0.58 13.93 2.84
C ASP A 357 0.40 14.07 3.98
N GLY A 358 0.09 14.98 4.90
CA GLY A 358 0.92 15.13 6.08
C GLY A 358 2.14 16.02 5.97
N GLU A 359 2.34 16.66 4.81
N GLU A 359 2.31 16.69 4.84
CA GLU A 359 3.50 17.55 4.62
CA GLU A 359 3.44 17.57 4.67
C GLU A 359 3.08 19.02 4.63
C GLU A 359 2.98 19.00 4.92
N GLN A 360 3.95 19.88 5.16
CA GLN A 360 3.65 21.30 5.36
C GLN A 360 4.55 22.20 4.52
N ASP A 361 4.88 21.74 3.32
CA ASP A 361 5.76 22.49 2.43
C ASP A 361 5.07 23.39 1.42
N GLY A 362 3.75 23.51 1.51
CA GLY A 362 3.03 24.35 0.57
C GLY A 362 2.63 23.66 -0.74
N LEU A 363 2.80 22.34 -0.78
CA LEU A 363 2.44 21.57 -1.98
C LEU A 363 1.47 20.47 -1.62
N TYR A 364 0.70 20.03 -2.61
CA TYR A 364 -0.21 18.90 -2.48
C TYR A 364 0.65 17.67 -2.82
N HIS A 365 0.37 16.56 -2.15
CA HIS A 365 1.11 15.31 -2.36
C HIS A 365 0.19 14.11 -2.34
N VAL A 366 0.48 13.14 -3.21
CA VAL A 366 -0.24 11.88 -3.15
C VAL A 366 0.71 10.85 -2.49
N ASP A 367 0.06 9.83 -1.93
CA ASP A 367 0.71 8.77 -1.18
C ASP A 367 1.14 7.60 -2.07
N PHE A 368 2.27 7.01 -1.72
CA PHE A 368 2.81 5.82 -2.38
C PHE A 368 2.81 4.71 -1.28
N PRO A 369 2.49 3.45 -1.63
CA PRO A 369 2.17 2.86 -2.93
C PRO A 369 0.88 3.13 -3.69
N ALA A 370 -0.08 3.83 -3.10
CA ALA A 370 -1.33 4.09 -3.84
C ALA A 370 -1.11 4.75 -5.21
N ALA A 371 -0.11 5.61 -5.31
CA ALA A 371 0.15 6.29 -6.57
C ALA A 371 0.59 5.36 -7.70
N SER A 372 1.13 4.18 -7.39
CA SER A 372 1.52 3.24 -8.43
C SER A 372 0.34 2.91 -9.36
N PRO A 373 0.57 2.95 -10.68
N PRO A 373 0.56 2.95 -10.68
CA PRO A 373 -0.52 2.63 -11.60
CA PRO A 373 -0.53 2.63 -11.59
C PRO A 373 -0.96 1.17 -11.47
C PRO A 373 -0.94 1.16 -11.51
N TYR A 374 -0.09 0.34 -10.87
CA TYR A 374 -0.38 -1.09 -10.72
C TYR A 374 -1.12 -1.43 -9.43
N VAL A 375 -1.44 -0.42 -8.62
CA VAL A 375 -2.10 -0.63 -7.35
C VAL A 375 -3.52 -0.06 -7.37
N LEU A 376 -4.45 -0.77 -6.75
N LEU A 376 -4.46 -0.77 -6.77
CA LEU A 376 -5.84 -0.33 -6.63
CA LEU A 376 -5.85 -0.33 -6.68
C LEU A 376 -5.84 0.62 -5.44
C LEU A 376 -5.88 0.62 -5.46
N ALA A 377 -5.85 1.92 -5.74
CA ALA A 377 -5.82 2.96 -4.70
C ALA A 377 -7.18 3.17 -4.06
N CYS A 378 -7.19 3.08 -2.74
CA CYS A 378 -8.43 3.14 -1.98
C CYS A 378 -8.60 4.41 -1.15
N GLY A 379 -9.55 5.23 -1.57
CA GLY A 379 -9.88 6.49 -0.91
C GLY A 379 -10.94 6.30 0.19
N GLY A 380 -11.34 7.43 0.80
CA GLY A 380 -12.23 7.35 1.93
C GLY A 380 -13.42 8.27 1.94
N THR A 381 -14.51 7.74 2.45
CA THR A 381 -15.77 8.46 2.53
C THR A 381 -16.35 8.44 3.94
N ARG A 382 -17.41 9.23 4.14
CA ARG A 382 -18.20 9.16 5.35
C ARG A 382 -19.50 8.51 4.86
N LEU A 383 -19.78 7.31 5.36
CA LEU A 383 -20.96 6.56 4.98
C LEU A 383 -22.07 6.58 6.02
N VAL A 384 -23.28 6.95 5.58
CA VAL A 384 -24.45 6.89 6.45
C VAL A 384 -25.33 5.84 5.77
N ALA A 385 -25.50 4.71 6.44
CA ALA A 385 -26.29 3.62 5.89
C ALA A 385 -27.24 3.06 6.93
N SER A 386 -28.37 2.52 6.49
CA SER A 386 -29.35 1.93 7.40
C SER A 386 -30.27 0.99 6.64
N ALA A 387 -30.77 -0.01 7.36
CA ALA A 387 -31.65 -1.02 6.77
C ALA A 387 -30.93 -1.63 5.57
N GLY A 388 -29.59 -1.59 5.60
CA GLY A 388 -28.78 -2.16 4.53
C GLY A 388 -28.62 -1.35 3.25
N ARG A 389 -29.02 -0.08 3.29
CA ARG A 389 -28.94 0.81 2.12
C ARG A 389 -28.14 2.09 2.40
N ILE A 390 -27.59 2.69 1.35
N ILE A 390 -27.57 2.69 1.35
CA ILE A 390 -26.81 3.92 1.48
CA ILE A 390 -26.79 3.92 1.49
C ILE A 390 -27.77 5.10 1.53
C ILE A 390 -27.73 5.12 1.51
N GLU A 391 -27.71 5.87 2.61
CA GLU A 391 -28.55 7.06 2.73
C GLU A 391 -27.75 8.25 2.27
N ARG A 392 -26.46 8.25 2.59
CA ARG A 392 -25.60 9.34 2.18
C ARG A 392 -24.15 8.90 2.22
N GLU A 393 -23.37 9.31 1.23
CA GLU A 393 -21.95 8.96 1.21
C GLU A 393 -21.22 10.17 0.62
N THR A 394 -20.35 10.77 1.43
CA THR A 394 -19.61 11.96 1.03
C THR A 394 -18.11 11.78 1.28
N VAL A 395 -17.29 12.72 0.83
CA VAL A 395 -15.84 12.63 1.05
C VAL A 395 -15.52 12.68 2.56
N TRP A 396 -14.60 11.82 3.01
CA TRP A 396 -14.19 11.88 4.41
C TRP A 396 -13.26 13.08 4.60
N ASN A 397 -13.71 14.03 5.43
CA ASN A 397 -12.89 15.19 5.76
C ASN A 397 -13.31 15.69 7.14
N ASP A 398 -12.50 15.39 8.16
CA ASP A 398 -12.77 15.81 9.53
C ASP A 398 -11.78 16.88 9.96
N GLY A 399 -11.24 17.61 9.00
CA GLY A 399 -10.33 18.70 9.34
C GLY A 399 -8.89 18.33 9.67
N PRO A 400 -8.07 19.35 10.01
CA PRO A 400 -6.67 19.15 10.34
C PRO A 400 -6.34 18.03 11.32
N ASP A 401 -7.04 17.97 12.45
CA ASP A 401 -6.74 16.95 13.45
C ASP A 401 -7.58 15.68 13.30
N GLY A 402 -8.64 15.74 12.49
CA GLY A 402 -9.49 14.56 12.30
C GLY A 402 -9.11 13.67 11.12
N GLY A 403 -8.36 14.23 10.17
CA GLY A 403 -7.95 13.46 9.02
C GLY A 403 -8.92 13.58 7.84
N SER A 404 -8.45 13.16 6.67
CA SER A 404 -9.24 13.20 5.45
C SER A 404 -8.60 12.22 4.45
N THR A 405 -9.38 11.77 3.49
CA THR A 405 -8.84 10.85 2.52
C THR A 405 -7.73 11.44 1.68
N GLY A 406 -6.74 10.63 1.36
CA GLY A 406 -5.73 11.05 0.41
C GLY A 406 -6.38 11.06 -0.98
N GLY A 407 -5.74 11.78 -1.89
CA GLY A 407 -6.23 11.88 -3.25
C GLY A 407 -5.54 13.03 -3.96
N GLY A 408 -5.37 12.90 -5.27
CA GLY A 408 -4.69 13.95 -6.02
C GLY A 408 -4.16 13.46 -7.35
N VAL A 409 -3.05 14.04 -7.77
CA VAL A 409 -2.44 13.74 -9.06
C VAL A 409 -0.96 13.48 -8.82
N SER A 410 -0.49 12.33 -9.27
CA SER A 410 0.89 11.97 -9.09
C SER A 410 1.84 12.86 -9.87
N ARG A 411 3.02 13.11 -9.32
CA ARG A 411 4.01 13.89 -10.06
C ARG A 411 5.15 12.94 -10.47
N ILE A 412 4.96 11.64 -10.23
CA ILE A 412 5.95 10.62 -10.58
C ILE A 412 5.47 9.75 -11.72
N PHE A 413 4.21 9.32 -11.66
CA PHE A 413 3.66 8.44 -12.67
C PHE A 413 2.72 9.18 -13.65
N PRO A 414 2.94 9.02 -14.96
N PRO A 414 2.96 9.04 -14.96
CA PRO A 414 2.07 9.70 -15.93
CA PRO A 414 2.09 9.72 -15.94
C PRO A 414 0.66 9.16 -15.89
C PRO A 414 0.65 9.17 -15.87
N LEU A 415 -0.30 9.92 -16.44
CA LEU A 415 -1.69 9.49 -16.47
C LEU A 415 -1.76 8.21 -17.33
N PRO A 416 -2.20 7.09 -16.77
CA PRO A 416 -2.27 5.85 -17.58
C PRO A 416 -3.28 5.94 -18.70
N SER A 417 -3.01 5.24 -19.79
CA SER A 417 -3.93 5.24 -20.91
C SER A 417 -5.29 4.69 -20.51
N TRP A 418 -5.30 3.73 -19.60
CA TRP A 418 -6.57 3.15 -19.17
C TRP A 418 -7.38 4.03 -18.23
N GLN A 419 -6.74 5.07 -17.70
CA GLN A 419 -7.42 5.97 -16.77
C GLN A 419 -7.79 7.31 -17.42
N GLU A 420 -7.21 7.59 -18.60
CA GLU A 420 -7.36 8.88 -19.25
C GLU A 420 -8.73 9.42 -19.61
N ARG A 421 -9.73 8.55 -19.72
CA ARG A 421 -11.07 9.04 -20.06
C ARG A 421 -11.84 9.47 -18.81
N ALA A 422 -11.34 9.09 -17.63
CA ALA A 422 -11.98 9.51 -16.39
C ALA A 422 -11.62 10.99 -16.17
N ASN A 423 -12.41 11.69 -15.36
CA ASN A 423 -12.20 13.12 -15.13
C ASN A 423 -11.02 13.46 -14.21
N VAL A 424 -9.84 12.93 -14.51
CA VAL A 424 -8.65 13.25 -13.72
C VAL A 424 -8.20 14.63 -14.20
N PRO A 425 -7.98 15.57 -13.27
CA PRO A 425 -7.57 16.91 -13.65
C PRO A 425 -6.08 17.07 -13.63
N PRO A 426 -5.60 18.23 -14.06
CA PRO A 426 -4.16 18.43 -14.00
C PRO A 426 -3.89 18.63 -12.49
N SER A 427 -2.64 18.53 -12.08
CA SER A 427 -2.29 18.73 -10.68
C SER A 427 -2.62 20.17 -10.27
N ALA A 428 -2.91 20.35 -8.98
CA ALA A 428 -3.21 21.66 -8.42
C ALA A 428 -1.92 22.40 -8.06
N ASN A 429 -0.79 21.71 -8.09
CA ASN A 429 0.48 22.35 -7.76
C ASN A 429 0.95 23.32 -8.85
N PRO A 430 1.87 24.24 -8.51
CA PRO A 430 2.38 25.20 -9.48
C PRO A 430 2.92 24.45 -10.68
N GLY A 431 2.57 24.88 -11.87
CA GLY A 431 3.04 24.20 -13.07
C GLY A 431 2.03 23.20 -13.59
N ALA A 432 1.06 22.85 -12.74
CA ALA A 432 0.02 21.90 -13.13
C ALA A 432 0.68 20.61 -13.63
N GLY A 433 0.18 20.08 -14.74
CA GLY A 433 0.73 18.84 -15.28
C GLY A 433 -0.14 17.64 -14.98
N SER A 434 -0.21 16.71 -15.93
N SER A 434 -0.24 16.71 -15.92
CA SER A 434 -1.01 15.50 -15.78
CA SER A 434 -1.06 15.53 -15.72
C SER A 434 -0.22 14.42 -15.07
C SER A 434 -0.24 14.46 -15.03
N GLY A 435 -0.94 13.49 -14.46
CA GLY A 435 -0.30 12.39 -13.77
C GLY A 435 -1.39 11.44 -13.39
N ARG A 436 -0.98 10.26 -12.93
CA ARG A 436 -1.90 9.23 -12.47
C ARG A 436 -2.78 9.81 -11.36
N GLY A 437 -4.08 9.63 -11.51
CA GLY A 437 -5.02 10.17 -10.53
C GLY A 437 -5.27 9.21 -9.39
N VAL A 438 -5.29 9.75 -8.17
CA VAL A 438 -5.51 8.96 -6.96
C VAL A 438 -6.79 9.50 -6.30
N PRO A 439 -7.68 8.64 -5.80
CA PRO A 439 -7.67 7.18 -5.75
C PRO A 439 -8.44 6.57 -6.93
N ASP A 440 -8.60 5.24 -6.92
CA ASP A 440 -9.36 4.54 -7.95
C ASP A 440 -10.78 4.28 -7.49
N VAL A 441 -10.96 3.92 -6.21
CA VAL A 441 -12.27 3.66 -5.63
C VAL A 441 -12.23 4.20 -4.21
N ALA A 442 -13.35 4.14 -3.50
CA ALA A 442 -13.36 4.63 -2.13
C ALA A 442 -14.40 3.91 -1.31
N GLY A 443 -14.23 3.95 0.01
CA GLY A 443 -15.16 3.33 0.92
C GLY A 443 -15.12 4.03 2.26
N ASN A 444 -16.06 3.67 3.12
CA ASN A 444 -16.15 4.28 4.44
C ASN A 444 -14.82 4.29 5.19
N ALA A 445 -14.42 5.49 5.63
CA ALA A 445 -13.15 5.68 6.31
C ALA A 445 -13.24 6.72 7.41
N ASP A 446 -14.42 7.26 7.65
CA ASP A 446 -14.55 8.29 8.66
C ASP A 446 -14.63 7.66 10.04
N PRO A 447 -13.66 7.96 10.95
CA PRO A 447 -13.75 7.36 12.29
C PRO A 447 -15.07 7.69 12.97
N ALA A 448 -15.66 8.85 12.63
CA ALA A 448 -16.94 9.27 13.21
C ALA A 448 -18.10 8.37 12.78
N THR A 449 -17.91 7.63 11.69
CA THR A 449 -18.91 6.67 11.21
C THR A 449 -18.08 5.40 10.96
N GLY A 450 -17.19 5.12 11.93
CA GLY A 450 -16.22 4.05 11.81
C GLY A 450 -16.57 2.59 12.00
N TYR A 451 -15.51 1.81 12.08
CA TYR A 451 -15.62 0.37 12.21
C TYR A 451 -15.31 -0.07 13.63
N GLU A 452 -16.18 -0.90 14.19
N GLU A 452 -16.18 -0.91 14.20
CA GLU A 452 -15.96 -1.43 15.54
CA GLU A 452 -15.97 -1.44 15.55
C GLU A 452 -14.88 -2.50 15.41
C GLU A 452 -14.92 -2.54 15.47
N VAL A 453 -13.87 -2.42 16.28
CA VAL A 453 -12.77 -3.37 16.29
C VAL A 453 -12.31 -3.66 17.71
N VAL A 454 -11.44 -4.65 17.85
CA VAL A 454 -10.84 -4.96 19.15
C VAL A 454 -9.34 -4.82 18.91
N ILE A 455 -8.72 -3.85 19.58
CA ILE A 455 -7.30 -3.59 19.47
C ILE A 455 -6.67 -3.71 20.85
N ASP A 456 -5.66 -4.57 20.95
CA ASP A 456 -4.95 -4.80 22.21
C ASP A 456 -5.93 -4.99 23.38
N GLY A 457 -6.90 -5.88 23.15
CA GLY A 457 -7.87 -6.24 24.16
C GLY A 457 -9.04 -5.30 24.37
N GLU A 458 -9.03 -4.12 23.77
CA GLU A 458 -10.16 -3.24 23.99
C GLU A 458 -10.98 -2.93 22.77
N THR A 459 -12.28 -2.80 23.02
N THR A 459 -12.27 -2.84 23.00
CA THR A 459 -13.28 -2.52 21.98
CA THR A 459 -13.20 -2.55 21.93
C THR A 459 -13.40 -1.04 21.69
C THR A 459 -13.26 -1.05 21.70
N THR A 460 -13.10 -0.65 20.44
CA THR A 460 -13.17 0.74 20.08
C THR A 460 -13.58 0.86 18.62
N VAL A 461 -13.41 2.05 18.06
CA VAL A 461 -13.83 2.33 16.70
C VAL A 461 -12.68 2.99 15.97
N ILE A 462 -12.48 2.55 14.72
CA ILE A 462 -11.42 3.12 13.89
C ILE A 462 -11.92 3.59 12.54
N GLY A 463 -11.09 4.41 11.92
CA GLY A 463 -11.35 4.89 10.57
C GLY A 463 -10.01 5.00 9.86
N GLY A 464 -9.99 5.83 8.82
CA GLY A 464 -8.83 5.99 7.98
C GLY A 464 -8.96 5.11 6.74
N THR A 465 -8.28 5.46 5.65
CA THR A 465 -8.34 4.65 4.45
C THR A 465 -7.68 3.28 4.65
N ALA A 466 -6.95 3.13 5.77
CA ALA A 466 -6.34 1.86 6.16
C ALA A 466 -7.43 0.78 6.25
N ALA A 467 -8.68 1.15 6.58
CA ALA A 467 -9.73 0.14 6.65
C ALA A 467 -10.28 -0.27 5.29
N VAL A 468 -10.14 0.60 4.31
CA VAL A 468 -10.72 0.36 2.99
C VAL A 468 -9.99 -0.68 2.15
N ALA A 469 -8.66 -0.69 2.22
CA ALA A 469 -7.90 -1.70 1.48
C ALA A 469 -8.32 -3.13 1.92
N PRO A 470 -8.35 -3.44 3.23
CA PRO A 470 -8.77 -4.81 3.60
C PRO A 470 -10.25 -5.08 3.29
N LEU A 471 -11.08 -4.04 3.39
CA LEU A 471 -12.49 -4.15 3.05
C LEU A 471 -12.65 -4.63 1.60
N PHE A 472 -11.98 -3.95 0.69
CA PHE A 472 -12.10 -4.32 -0.72
C PHE A 472 -11.26 -5.56 -1.07
N ALA A 473 -10.22 -5.86 -0.27
CA ALA A 473 -9.45 -7.09 -0.47
C ALA A 473 -10.45 -8.25 -0.27
N ALA A 474 -11.31 -8.17 0.76
CA ALA A 474 -12.29 -9.22 1.00
C ALA A 474 -13.31 -9.29 -0.14
N LEU A 475 -13.67 -8.13 -0.71
CA LEU A 475 -14.60 -8.12 -1.84
C LEU A 475 -13.97 -8.88 -3.00
N VAL A 476 -12.69 -8.61 -3.29
CA VAL A 476 -12.02 -9.28 -4.38
C VAL A 476 -11.92 -10.78 -4.09
N ALA A 477 -11.66 -11.16 -2.85
CA ALA A 477 -11.59 -12.58 -2.51
C ALA A 477 -12.91 -13.30 -2.80
N ARG A 478 -14.04 -12.65 -2.49
CA ARG A 478 -15.35 -13.23 -2.77
C ARG A 478 -15.57 -13.35 -4.26
N ILE A 479 -15.20 -12.31 -5.01
CA ILE A 479 -15.36 -12.32 -6.45
C ILE A 479 -14.48 -13.42 -7.08
N ASN A 480 -13.23 -13.53 -6.63
CA ASN A 480 -12.34 -14.57 -7.14
C ASN A 480 -12.94 -15.94 -6.88
N GLN A 481 -13.50 -16.16 -5.70
CA GLN A 481 -14.11 -17.45 -5.38
C GLN A 481 -15.22 -17.77 -6.39
N LYS A 482 -16.08 -16.81 -6.66
CA LYS A 482 -17.18 -17.01 -7.60
C LYS A 482 -16.68 -17.29 -9.02
N LEU A 483 -15.68 -16.54 -9.47
CA LEU A 483 -15.13 -16.71 -10.80
C LEU A 483 -14.34 -18.00 -10.99
N GLY A 484 -13.79 -18.52 -9.90
CA GLY A 484 -13.01 -19.75 -9.99
C GLY A 484 -11.55 -19.54 -10.36
N LYS A 485 -11.19 -18.27 -10.59
CA LYS A 485 -9.80 -17.92 -10.89
C LYS A 485 -9.64 -16.44 -10.52
N PRO A 486 -8.43 -16.05 -10.14
CA PRO A 486 -8.18 -14.65 -9.74
C PRO A 486 -8.35 -13.57 -10.77
N VAL A 487 -8.91 -12.43 -10.34
CA VAL A 487 -9.08 -11.32 -11.26
C VAL A 487 -7.75 -10.58 -11.49
N GLY A 488 -6.84 -10.66 -10.53
CA GLY A 488 -5.54 -10.01 -10.70
C GLY A 488 -5.61 -8.49 -10.82
N TYR A 489 -4.88 -7.94 -11.79
CA TYR A 489 -4.84 -6.49 -12.01
C TYR A 489 -6.18 -6.01 -12.53
N LEU A 490 -6.86 -5.23 -11.72
CA LEU A 490 -8.19 -4.75 -12.03
C LEU A 490 -8.31 -3.34 -12.56
N ASN A 491 -7.31 -2.51 -12.35
CA ASN A 491 -7.49 -1.10 -12.71
C ASN A 491 -8.00 -0.82 -14.11
N PRO A 492 -7.36 -1.36 -15.15
CA PRO A 492 -7.87 -1.06 -16.50
C PRO A 492 -9.34 -1.45 -16.67
N THR A 493 -9.71 -2.61 -16.15
CA THR A 493 -11.08 -3.07 -16.24
C THR A 493 -12.07 -2.13 -15.55
N LEU A 494 -11.76 -1.73 -14.33
CA LEU A 494 -12.66 -0.85 -13.59
C LEU A 494 -13.03 0.41 -14.35
N TYR A 495 -12.05 1.00 -15.03
CA TYR A 495 -12.29 2.22 -15.78
C TYR A 495 -13.01 2.02 -17.11
N GLN A 496 -13.28 0.77 -17.47
CA GLN A 496 -14.03 0.47 -18.71
C GLN A 496 -15.46 0.07 -18.38
N LEU A 497 -15.74 -0.19 -17.11
CA LEU A 497 -17.08 -0.62 -16.70
C LEU A 497 -18.10 0.52 -16.71
N PRO A 498 -19.38 0.18 -16.89
CA PRO A 498 -20.47 1.18 -16.91
C PRO A 498 -20.52 1.88 -15.56
N PRO A 499 -20.91 3.17 -15.52
CA PRO A 499 -20.97 3.88 -14.24
C PRO A 499 -21.93 3.30 -13.22
N GLU A 500 -22.90 2.53 -13.68
N GLU A 500 -22.90 2.51 -13.70
CA GLU A 500 -23.88 1.92 -12.79
CA GLU A 500 -23.89 1.89 -12.83
C GLU A 500 -23.26 0.87 -11.85
C GLU A 500 -23.24 0.93 -11.84
N VAL A 501 -22.00 0.52 -12.10
CA VAL A 501 -21.30 -0.44 -11.23
C VAL A 501 -20.83 0.22 -9.92
N PHE A 502 -20.82 1.55 -9.90
CA PHE A 502 -20.35 2.29 -8.73
C PHE A 502 -21.32 3.29 -8.16
N HIS A 503 -21.18 3.56 -6.87
N HIS A 503 -21.19 3.55 -6.86
CA HIS A 503 -21.99 4.56 -6.20
CA HIS A 503 -22.02 4.56 -6.21
C HIS A 503 -21.11 5.79 -6.25
C HIS A 503 -21.15 5.79 -6.21
N ASP A 504 -21.52 6.77 -7.04
CA ASP A 504 -20.77 7.99 -7.21
C ASP A 504 -20.81 8.92 -5.99
N ILE A 505 -19.63 9.33 -5.49
CA ILE A 505 -19.61 10.30 -4.40
C ILE A 505 -19.44 11.65 -5.11
N THR A 506 -20.32 12.60 -4.81
CA THR A 506 -20.26 13.90 -5.50
C THR A 506 -20.06 15.11 -4.60
N GLU A 507 -20.18 14.92 -3.29
CA GLU A 507 -20.05 16.03 -2.37
C GLU A 507 -18.88 15.90 -1.39
N GLY A 508 -18.17 17.00 -1.20
CA GLY A 508 -17.06 17.06 -0.27
C GLY A 508 -15.73 17.35 -0.92
N ASN A 509 -14.70 17.52 -0.09
CA ASN A 509 -13.36 17.76 -0.59
C ASN A 509 -12.35 17.18 0.42
N ASN A 510 -11.10 16.98 -0.01
CA ASN A 510 -10.12 16.41 0.91
C ASN A 510 -9.01 17.38 1.31
N ASP A 511 -9.38 18.66 1.40
CA ASP A 511 -8.44 19.70 1.78
C ASP A 511 -8.52 19.96 3.28
N ILE A 512 -7.42 19.70 3.99
N ILE A 512 -7.43 19.70 3.99
CA ILE A 512 -7.37 19.97 5.43
CA ILE A 512 -7.38 19.97 5.43
C ILE A 512 -6.29 20.99 5.74
C ILE A 512 -6.29 20.99 5.74
N ALA A 513 -5.73 21.58 4.69
CA ALA A 513 -4.67 22.57 4.85
C ALA A 513 -5.05 24.03 4.70
N ASN A 514 -6.04 24.31 3.86
CA ASN A 514 -6.42 25.69 3.59
C ASN A 514 -7.88 25.74 3.16
N ARG A 515 -8.32 26.89 2.66
N ARG A 515 -8.29 26.90 2.66
CA ARG A 515 -9.72 27.03 2.24
CA ARG A 515 -9.68 27.12 2.23
C ARG A 515 -9.99 26.84 0.75
C ARG A 515 -9.96 26.88 0.76
N ALA A 516 -8.97 26.43 0.01
CA ALA A 516 -9.14 26.22 -1.42
C ALA A 516 -9.96 25.03 -1.86
N ARG A 517 -10.32 24.14 -0.93
N ARG A 517 -10.31 24.17 -0.90
CA ARG A 517 -11.07 22.94 -1.24
CA ARG A 517 -11.07 22.95 -1.15
C ARG A 517 -10.30 22.14 -2.27
C ARG A 517 -10.25 22.15 -2.16
N ILE A 518 -9.01 21.96 -1.97
N ILE A 518 -8.99 21.93 -1.83
CA ILE A 518 -8.12 21.26 -2.86
CA ILE A 518 -8.13 21.24 -2.76
C ILE A 518 -8.59 19.99 -3.43
C ILE A 518 -8.60 20.00 -3.38
N TYR A 519 -8.50 18.68 -3.07
CA TYR A 519 -9.30 18.52 -4.29
C TYR A 519 -10.76 18.30 -3.92
N GLN A 520 -11.65 18.48 -4.89
N GLN A 520 -11.66 18.49 -4.89
CA GLN A 520 -13.08 18.35 -4.64
CA GLN A 520 -13.11 18.39 -4.66
C GLN A 520 -13.78 17.24 -5.41
C GLN A 520 -13.79 17.25 -5.42
N ALA A 521 -14.81 16.65 -4.81
CA ALA A 521 -15.56 15.57 -5.43
C ALA A 521 -16.53 16.16 -6.47
N GLY A 522 -17.06 15.29 -7.33
CA GLY A 522 -17.99 15.75 -8.35
C GLY A 522 -18.53 14.55 -9.11
N PRO A 523 -19.40 14.77 -10.09
CA PRO A 523 -19.97 13.65 -10.88
C PRO A 523 -18.82 12.89 -11.54
N GLY A 524 -18.85 11.56 -11.51
CA GLY A 524 -17.80 10.79 -12.15
C GLY A 524 -16.55 10.70 -11.30
N TRP A 525 -15.41 10.47 -11.92
CA TRP A 525 -14.17 10.34 -11.17
C TRP A 525 -13.71 11.66 -10.57
N ASP A 526 -13.23 11.63 -9.32
CA ASP A 526 -12.66 12.83 -8.71
C ASP A 526 -11.44 12.43 -7.88
N PRO A 527 -10.57 13.40 -7.53
CA PRO A 527 -9.37 13.12 -6.76
C PRO A 527 -9.57 12.99 -5.25
N CYS A 528 -10.77 12.61 -4.85
CA CYS A 528 -11.07 12.35 -3.44
C CYS A 528 -11.52 10.89 -3.30
N THR A 529 -12.35 10.44 -4.23
CA THR A 529 -12.99 9.14 -4.17
C THR A 529 -12.92 8.30 -5.44
N GLY A 530 -12.22 8.80 -6.45
CA GLY A 530 -12.11 8.05 -7.69
C GLY A 530 -13.47 7.73 -8.29
N LEU A 531 -13.67 6.47 -8.68
CA LEU A 531 -14.93 6.05 -9.28
C LEU A 531 -16.08 5.92 -8.29
N GLY A 532 -15.78 6.08 -7.00
CA GLY A 532 -16.80 5.95 -5.99
C GLY A 532 -16.71 4.61 -5.25
N SER A 533 -17.77 4.24 -4.54
CA SER A 533 -17.77 2.97 -3.83
C SER A 533 -18.33 1.87 -4.76
N PRO A 534 -17.62 0.75 -4.87
N PRO A 534 -17.64 0.72 -4.83
CA PRO A 534 -18.15 -0.30 -5.76
CA PRO A 534 -18.13 -0.35 -5.70
C PRO A 534 -19.45 -0.88 -5.23
C PRO A 534 -19.46 -0.90 -5.21
N ILE A 535 -20.32 -1.30 -6.14
CA ILE A 535 -21.58 -1.94 -5.79
C ILE A 535 -21.20 -3.39 -6.08
N GLY A 536 -20.91 -4.12 -5.02
CA GLY A 536 -20.41 -5.49 -5.10
C GLY A 536 -21.02 -6.45 -6.11
N ILE A 537 -22.33 -6.64 -6.00
CA ILE A 537 -22.99 -7.56 -6.92
C ILE A 537 -22.91 -7.10 -8.37
N ARG A 538 -22.95 -5.80 -8.61
CA ARG A 538 -22.85 -5.31 -9.97
C ARG A 538 -21.45 -5.51 -10.52
N LEU A 539 -20.43 -5.33 -9.68
CA LEU A 539 -19.06 -5.53 -10.11
C LEU A 539 -18.86 -7.00 -10.48
N LEU A 540 -19.35 -7.90 -9.64
CA LEU A 540 -19.24 -9.31 -9.91
C LEU A 540 -19.93 -9.65 -11.24
N GLN A 541 -21.16 -9.20 -11.40
CA GLN A 541 -21.92 -9.45 -12.63
C GLN A 541 -21.18 -8.96 -13.86
N ALA A 542 -20.54 -7.80 -13.76
CA ALA A 542 -19.81 -7.25 -14.89
C ALA A 542 -18.53 -8.02 -15.23
N LEU A 543 -17.99 -8.75 -14.25
CA LEU A 543 -16.78 -9.53 -14.46
C LEU A 543 -17.05 -10.96 -14.89
N LEU A 544 -18.30 -11.40 -14.77
CA LEU A 544 -18.67 -12.76 -15.17
C LEU A 544 -18.77 -12.86 -16.69
N PRO A 545 -18.41 -14.03 -17.25
CA PRO A 545 -18.48 -14.23 -18.71
C PRO A 545 -19.91 -14.31 -19.21
#